data_2CNM
#
_entry.id   2CNM
#
_cell.length_a   133.127
_cell.length_b   133.127
_cell.length_c   190.986
_cell.angle_alpha   90.00
_cell.angle_beta   90.00
_cell.angle_gamma   120.00
#
_symmetry.space_group_name_H-M   'H 3 2'
#
loop_
_entity.id
_entity.type
_entity.pdbx_description
1 polymer 'MODIFICATION OF 30S RIBOSOMAL SUBUNIT PROTEIN S18'
2 polymer '30S RIBOSOMAL PROTEIN S18'
3 non-polymer 'COENZYME A'
4 water water
#
loop_
_entity_poly.entity_id
_entity_poly.type
_entity_poly.pdbx_seq_one_letter_code
_entity_poly.pdbx_strand_id
1 'polypeptide(L)'
;MNTISILSTTDLPAAWQIEQRAHAFPWSEKTFFGNQGERYLNLKLTADDRMAAFAITQVVLDEATLFNIAVDPDFQRRGL
GRMLLEHLIDELETRGVVTLWLEVRASNAAAIALYESLGFNEATIRRNYYPTAQGHEDAIIMALPISMKLHHHHHHHHHH
;
A,B,C
2 'polypeptide(L)' (ACE)ARYFRR D,E,F
#
loop_
_chem_comp.id
_chem_comp.type
_chem_comp.name
_chem_comp.formula
ACE non-polymer 'ACETYL GROUP' 'C2 H4 O'
COA non-polymer 'COENZYME A' 'C21 H36 N7 O16 P3 S'
#
# COMPACT_ATOMS: atom_id res chain seq x y z
N MET A 1 -22.11 1.12 -23.90
CA MET A 1 -21.56 1.02 -22.52
C MET A 1 -20.04 1.13 -22.52
N ASN A 2 -19.52 1.63 -21.41
CA ASN A 2 -18.09 1.89 -21.35
C ASN A 2 -17.46 1.05 -20.27
N THR A 3 -16.33 0.43 -20.56
CA THR A 3 -15.78 -0.53 -19.61
C THR A 3 -14.29 -0.27 -19.46
N ILE A 4 -13.90 0.07 -18.25
CA ILE A 4 -12.53 0.35 -17.96
C ILE A 4 -11.92 -0.94 -17.46
N SER A 5 -10.82 -1.36 -18.04
CA SER A 5 -10.16 -2.54 -17.56
C SER A 5 -8.66 -2.35 -17.63
N ILE A 6 -7.94 -3.31 -17.07
CA ILE A 6 -6.50 -3.40 -17.24
C ILE A 6 -6.13 -3.56 -18.71
N LEU A 7 -5.02 -2.91 -19.09
CA LEU A 7 -4.39 -3.00 -20.42
C LEU A 7 -3.34 -4.09 -20.41
N SER A 8 -3.61 -5.15 -21.12
CA SER A 8 -2.76 -6.35 -21.12
C SER A 8 -2.20 -6.58 -22.51
N THR A 9 -1.12 -7.36 -22.57
CA THR A 9 -0.44 -7.78 -23.82
C THR A 9 -1.30 -7.79 -25.09
N THR A 10 -2.40 -8.52 -25.03
CA THR A 10 -3.30 -8.66 -26.17
C THR A 10 -3.87 -7.34 -26.66
N ASP A 11 -3.91 -6.35 -25.75
CA ASP A 11 -4.53 -5.05 -25.99
C ASP A 11 -3.59 -4.09 -26.66
N LEU A 12 -2.30 -4.41 -26.72
CA LEU A 12 -1.32 -3.38 -27.08
C LEU A 12 -1.35 -2.90 -28.55
N PRO A 13 -1.50 -3.84 -29.54
CA PRO A 13 -1.69 -3.36 -30.92
C PRO A 13 -2.83 -2.35 -31.11
N ALA A 14 -4.02 -2.62 -30.58
CA ALA A 14 -5.10 -1.63 -30.66
C ALA A 14 -4.68 -0.25 -30.05
N ALA A 15 -4.03 -0.28 -28.88
CA ALA A 15 -3.59 0.92 -28.20
C ALA A 15 -2.48 1.64 -28.96
N TRP A 16 -1.60 0.86 -29.57
CA TRP A 16 -0.53 1.43 -30.38
C TRP A 16 -1.12 2.22 -31.53
N GLN A 17 -2.20 1.72 -32.12
CA GLN A 17 -2.95 2.44 -33.16
C GLN A 17 -3.47 3.77 -32.64
N ILE A 18 -4.02 3.73 -31.41
CA ILE A 18 -4.54 4.92 -30.76
C ILE A 18 -3.40 5.90 -30.45
N GLU A 19 -2.28 5.38 -29.96
CA GLU A 19 -1.11 6.21 -29.71
C GLU A 19 -0.69 7.03 -30.96
N GLN A 20 -0.70 6.37 -32.12
CA GLN A 20 -0.25 7.01 -33.35
C GLN A 20 -1.29 7.91 -33.97
N ARG A 21 -2.56 7.72 -33.59
CA ARG A 21 -3.64 8.57 -34.11
C ARG A 21 -3.93 9.82 -33.26
N ALA A 22 -3.66 9.78 -31.96
CA ALA A 22 -4.12 10.84 -31.06
C ALA A 22 -3.01 11.83 -30.69
N HIS A 23 -1.76 11.38 -30.79
CA HIS A 23 -0.58 12.23 -30.55
C HIS A 23 0.07 12.69 -31.85
N ALA A 24 0.28 14.00 -31.97
CA ALA A 24 1.01 14.52 -33.11
C ALA A 24 2.47 13.99 -33.09
N PHE A 25 3.05 13.90 -31.89
CA PHE A 25 4.40 13.32 -31.72
C PHE A 25 4.36 12.11 -30.79
N PRO A 26 3.95 10.93 -31.32
CA PRO A 26 3.72 9.73 -30.49
C PRO A 26 5.06 9.24 -29.95
N TRP A 27 5.04 8.31 -28.99
CA TRP A 27 6.27 7.61 -28.56
C TRP A 27 6.79 6.77 -29.72
N SER A 28 8.00 6.23 -29.57
CA SER A 28 8.48 5.18 -30.46
C SER A 28 7.83 3.86 -30.06
N GLU A 29 7.63 3.00 -31.04
CA GLU A 29 7.13 1.66 -30.82
C GLU A 29 7.82 0.97 -29.63
N LYS A 30 9.16 0.99 -29.59
CA LYS A 30 9.92 0.29 -28.55
C LYS A 30 9.60 0.88 -27.19
N THR A 31 9.66 2.19 -27.10
CA THR A 31 9.29 2.90 -25.88
C THR A 31 7.87 2.55 -25.52
N PHE A 32 7.00 2.51 -26.52
CA PHE A 32 5.61 2.24 -26.21
C PHE A 32 5.42 0.83 -25.67
N PHE A 33 5.96 -0.16 -26.37
CA PHE A 33 5.83 -1.55 -25.94
C PHE A 33 6.63 -1.88 -24.70
N GLY A 34 7.54 -0.99 -24.30
CA GLY A 34 8.37 -1.14 -23.13
C GLY A 34 7.73 -0.61 -21.87
N ASN A 35 6.71 0.25 -22.00
CA ASN A 35 6.07 0.78 -20.79
C ASN A 35 4.92 -0.07 -20.25
N GLN A 36 5.24 -1.31 -19.93
CA GLN A 36 4.30 -2.28 -19.41
C GLN A 36 5.10 -3.06 -18.38
N GLY A 37 4.41 -3.86 -17.57
CA GLY A 37 5.04 -4.75 -16.61
C GLY A 37 5.10 -4.15 -15.21
N GLU A 38 6.16 -4.47 -14.48
CA GLU A 38 6.30 -4.15 -13.06
C GLU A 38 6.11 -2.69 -12.69
N ARG A 39 5.16 -2.47 -11.79
CA ARG A 39 4.85 -1.16 -11.28
C ARG A 39 3.94 -0.35 -12.24
N TYR A 40 3.53 -0.94 -13.36
CA TYR A 40 2.57 -0.26 -14.24
C TYR A 40 1.15 -0.65 -13.95
N LEU A 41 0.33 0.36 -13.78
CA LEU A 41 -1.09 0.17 -13.63
C LEU A 41 -1.67 0.76 -14.90
N ASN A 42 -1.81 -0.08 -15.92
CA ASN A 42 -2.23 0.41 -17.20
C ASN A 42 -3.65 0.02 -17.48
N LEU A 43 -4.41 1.00 -17.96
CA LEU A 43 -5.85 0.89 -18.11
C LEU A 43 -6.30 1.17 -19.54
N LYS A 44 -7.41 0.52 -19.94
CA LYS A 44 -8.10 0.83 -21.18
C LYS A 44 -9.59 1.12 -20.96
N LEU A 45 -10.17 1.90 -21.86
CA LEU A 45 -11.62 2.12 -21.82
C LEU A 45 -12.17 1.58 -23.12
N THR A 46 -13.15 0.70 -22.97
CA THR A 46 -13.74 0.02 -24.10
C THR A 46 -15.15 0.56 -24.26
N ALA A 47 -15.43 1.07 -25.44
CA ALA A 47 -16.79 1.48 -25.76
C ALA A 47 -17.39 0.47 -26.72
N ASP A 48 -18.26 -0.37 -26.19
CA ASP A 48 -18.89 -1.45 -26.96
C ASP A 48 -17.84 -2.37 -27.51
N ASP A 49 -17.70 -2.35 -28.83
CA ASP A 49 -16.68 -3.13 -29.50
C ASP A 49 -15.31 -2.59 -29.28
N ARG A 50 -15.14 -1.31 -29.52
CA ARG A 50 -13.81 -0.81 -29.75
C ARG A 50 -13.12 -0.38 -28.49
N MET A 51 -11.81 -0.53 -28.48
CA MET A 51 -11.02 0.16 -27.50
C MET A 51 -11.08 1.63 -27.88
N ALA A 52 -11.41 2.50 -26.93
CA ALA A 52 -11.55 3.91 -27.21
C ALA A 52 -10.44 4.74 -26.59
N ALA A 53 -9.82 4.24 -25.52
CA ALA A 53 -8.76 4.98 -24.83
C ALA A 53 -7.85 4.12 -24.00
N PHE A 54 -6.71 4.70 -23.64
CA PHE A 54 -5.81 4.00 -22.74
C PHE A 54 -5.02 5.02 -21.92
N ALA A 55 -4.43 4.55 -20.81
CA ALA A 55 -3.63 5.39 -19.93
C ALA A 55 -2.56 4.50 -19.38
N ILE A 56 -1.33 5.05 -19.41
CA ILE A 56 -0.15 4.39 -18.87
C ILE A 56 0.30 5.09 -17.57
N THR A 57 0.30 4.33 -16.47
CA THR A 57 0.70 4.89 -15.19
C THR A 57 1.71 4.02 -14.47
N GLN A 58 2.69 4.66 -13.85
CA GLN A 58 3.61 3.97 -12.99
C GLN A 58 3.52 4.44 -11.53
N VAL A 59 3.50 3.47 -10.63
CA VAL A 59 3.39 3.69 -9.20
C VAL A 59 4.68 3.34 -8.51
N VAL A 60 5.28 4.36 -7.85
CA VAL A 60 6.44 4.19 -7.00
C VAL A 60 6.09 4.76 -5.64
N LEU A 61 6.25 3.96 -4.59
CA LEU A 61 5.92 4.39 -3.25
C LEU A 61 4.45 4.82 -3.18
N ASP A 62 4.18 6.08 -2.89
CA ASP A 62 2.81 6.50 -2.71
C ASP A 62 2.56 7.67 -3.67
N GLU A 63 3.37 7.74 -4.72
CA GLU A 63 3.14 8.67 -5.81
C GLU A 63 3.01 7.90 -7.13
N ALA A 64 2.39 8.54 -8.12
CA ALA A 64 2.23 7.91 -9.41
C ALA A 64 2.52 8.93 -10.49
N THR A 65 2.99 8.45 -11.64
CA THR A 65 3.10 9.30 -12.80
C THR A 65 2.29 8.76 -13.95
N LEU A 66 1.36 9.56 -14.43
CA LEU A 66 0.64 9.23 -15.65
C LEU A 66 1.52 9.63 -16.80
N PHE A 67 2.26 8.66 -17.34
CA PHE A 67 3.10 8.83 -18.52
C PHE A 67 2.35 9.14 -19.82
N ASN A 68 1.08 8.76 -19.93
CA ASN A 68 0.37 8.88 -21.20
C ASN A 68 -1.11 8.65 -21.01
N ILE A 69 -1.93 9.54 -21.55
CA ILE A 69 -3.34 9.24 -21.75
C ILE A 69 -3.74 9.58 -23.20
N ALA A 70 -4.59 8.76 -23.80
CA ALA A 70 -4.98 8.92 -25.20
C ALA A 70 -6.39 8.40 -25.48
N VAL A 71 -7.23 9.29 -25.99
CA VAL A 71 -8.54 8.91 -26.45
C VAL A 71 -8.42 8.99 -27.95
N ASP A 72 -8.87 7.96 -28.64
CA ASP A 72 -8.79 7.93 -30.08
C ASP A 72 -9.61 9.07 -30.64
N PRO A 73 -9.15 9.72 -31.73
CA PRO A 73 -9.92 10.82 -32.30
C PRO A 73 -11.42 10.53 -32.49
N ASP A 74 -11.76 9.34 -33.00
CA ASP A 74 -13.15 8.92 -33.15
C ASP A 74 -13.97 9.02 -31.86
N PHE A 75 -13.29 8.94 -30.71
CA PHE A 75 -13.97 8.90 -29.43
C PHE A 75 -13.86 10.15 -28.55
N GLN A 76 -13.19 11.19 -29.04
CA GLN A 76 -12.93 12.39 -28.22
C GLN A 76 -14.14 13.28 -27.92
N ARG A 77 -13.93 14.19 -26.99
CA ARG A 77 -14.97 15.10 -26.51
C ARG A 77 -16.30 14.42 -26.27
N ARG A 78 -16.25 13.17 -25.79
CA ARG A 78 -17.48 12.48 -25.40
C ARG A 78 -17.44 12.09 -23.90
N GLY A 79 -16.47 12.66 -23.16
CA GLY A 79 -16.35 12.42 -21.71
C GLY A 79 -15.65 11.15 -21.29
N LEU A 80 -14.99 10.47 -22.23
CA LEU A 80 -14.34 9.20 -21.96
C LEU A 80 -12.99 9.43 -21.32
N GLY A 81 -12.31 10.49 -21.75
CA GLY A 81 -11.05 10.88 -21.16
C GLY A 81 -11.18 11.08 -19.68
N ARG A 82 -12.12 11.94 -19.27
CA ARG A 82 -12.39 12.21 -17.87
C ARG A 82 -12.77 10.94 -17.15
N MET A 83 -13.64 10.17 -17.75
CA MET A 83 -14.11 8.98 -17.08
C MET A 83 -12.94 8.05 -16.77
N LEU A 84 -12.06 7.84 -17.75
CA LEU A 84 -10.93 6.94 -17.58
C LEU A 84 -10.03 7.47 -16.48
N LEU A 85 -9.78 8.78 -16.53
CA LEU A 85 -8.97 9.45 -15.54
C LEU A 85 -9.56 9.29 -14.16
N GLU A 86 -10.88 9.43 -14.05
CA GLU A 86 -11.59 9.24 -12.78
C GLU A 86 -11.44 7.80 -12.25
N HIS A 87 -11.55 6.81 -13.13
CA HIS A 87 -11.38 5.47 -12.67
C HIS A 87 -9.95 5.25 -12.11
N LEU A 88 -8.98 5.90 -12.74
CA LEU A 88 -7.59 5.70 -12.39
C LEU A 88 -7.37 6.31 -10.99
N ILE A 89 -7.89 7.51 -10.80
CA ILE A 89 -7.76 8.20 -9.54
C ILE A 89 -8.32 7.38 -8.38
N ASP A 90 -9.53 6.82 -8.54
CA ASP A 90 -10.14 5.92 -7.54
C ASP A 90 -9.23 4.76 -7.28
N GLU A 91 -8.71 4.19 -8.35
CA GLU A 91 -7.85 3.03 -8.22
C GLU A 91 -6.54 3.37 -7.47
N LEU A 92 -5.91 4.49 -7.80
CA LEU A 92 -4.72 4.93 -7.05
C LEU A 92 -5.00 5.20 -5.56
N GLU A 93 -6.18 5.71 -5.22
CA GLU A 93 -6.51 5.99 -3.81
C GLU A 93 -6.59 4.71 -2.96
N THR A 94 -7.28 3.70 -3.49
CA THR A 94 -7.29 2.38 -2.87
C THR A 94 -5.84 1.82 -2.74
N ARG A 95 -4.93 2.31 -3.55
CA ARG A 95 -3.55 1.78 -3.52
C ARG A 95 -2.63 2.63 -2.64
N GLY A 96 -3.17 3.68 -2.03
CA GLY A 96 -2.43 4.47 -1.07
C GLY A 96 -1.60 5.57 -1.74
N VAL A 97 -1.90 5.82 -3.01
CA VAL A 97 -1.19 6.82 -3.78
C VAL A 97 -1.80 8.17 -3.41
N VAL A 98 -0.93 9.15 -3.09
CA VAL A 98 -1.38 10.44 -2.59
C VAL A 98 -1.16 11.59 -3.57
N THR A 99 -0.37 11.33 -4.60
CA THR A 99 -0.08 12.34 -5.58
C THR A 99 0.03 11.70 -6.94
N LEU A 100 -0.73 12.22 -7.91
CA LEU A 100 -0.59 11.81 -9.31
C LEU A 100 0.11 12.95 -10.03
N TRP A 101 1.15 12.63 -10.79
CA TRP A 101 1.90 13.60 -11.56
C TRP A 101 1.72 13.36 -13.06
N LEU A 102 1.96 14.42 -13.85
CA LEU A 102 1.92 14.34 -15.33
C LEU A 102 2.62 15.53 -15.98
N GLU A 103 2.94 15.39 -17.26
CA GLU A 103 3.48 16.45 -18.12
C GLU A 103 2.47 16.75 -19.25
N VAL A 104 2.29 18.03 -19.57
CA VAL A 104 1.44 18.35 -20.70
C VAL A 104 1.99 19.51 -21.55
N ARG A 105 1.85 19.40 -22.87
CA ARG A 105 2.21 20.49 -23.76
C ARG A 105 1.49 21.72 -23.27
N ALA A 106 2.22 22.82 -23.19
CA ALA A 106 1.71 24.04 -22.61
C ALA A 106 0.53 24.55 -23.41
N SER A 107 0.47 24.22 -24.70
CA SER A 107 -0.63 24.67 -25.59
C SER A 107 -1.83 23.71 -25.71
N ASN A 108 -1.81 22.62 -24.98
CA ASN A 108 -2.94 21.72 -25.00
C ASN A 108 -4.03 22.25 -24.04
N ALA A 109 -4.83 23.19 -24.54
CA ALA A 109 -5.86 23.89 -23.74
C ALA A 109 -6.92 22.91 -23.25
N ALA A 110 -7.28 21.97 -24.13
CA ALA A 110 -8.13 20.84 -23.78
C ALA A 110 -7.61 20.06 -22.56
N ALA A 111 -6.41 19.51 -22.66
CA ALA A 111 -5.97 18.57 -21.64
C ALA A 111 -5.85 19.29 -20.32
N ILE A 112 -5.25 20.48 -20.36
CA ILE A 112 -5.01 21.31 -19.20
C ILE A 112 -6.32 21.56 -18.46
N ALA A 113 -7.34 21.99 -19.21
CA ALA A 113 -8.64 22.29 -18.62
C ALA A 113 -9.26 21.04 -18.00
N LEU A 114 -9.06 19.89 -18.63
CA LEU A 114 -9.55 18.63 -18.05
C LEU A 114 -8.86 18.40 -16.70
N TYR A 115 -7.52 18.41 -16.73
CA TYR A 115 -6.73 18.19 -15.54
C TYR A 115 -7.08 19.20 -14.45
N GLU A 116 -7.28 20.46 -14.84
CA GLU A 116 -7.54 21.49 -13.85
C GLU A 116 -8.86 21.18 -13.18
N SER A 117 -9.85 20.77 -13.97
CA SER A 117 -11.18 20.48 -13.42
C SER A 117 -11.19 19.20 -12.58
N LEU A 118 -10.20 18.33 -12.74
CA LEU A 118 -10.05 17.16 -11.90
C LEU A 118 -9.27 17.44 -10.61
N GLY A 119 -8.70 18.63 -10.50
CA GLY A 119 -7.95 19.02 -9.29
C GLY A 119 -6.43 19.09 -9.40
N PHE A 120 -5.90 18.91 -10.61
CA PHE A 120 -4.47 19.08 -10.87
C PHE A 120 -4.05 20.53 -10.70
N ASN A 121 -2.82 20.74 -10.19
CA ASN A 121 -2.20 22.08 -10.18
C ASN A 121 -0.88 22.10 -10.90
N GLU A 122 -0.54 23.23 -11.51
CA GLU A 122 0.79 23.41 -12.04
C GLU A 122 1.79 23.39 -10.90
N ALA A 123 2.82 22.54 -11.01
CA ALA A 123 3.91 22.53 -10.05
C ALA A 123 5.06 23.35 -10.62
N THR A 124 5.48 23.04 -11.82
CA THR A 124 6.67 23.63 -12.32
C THR A 124 6.55 23.59 -13.83
N ILE A 125 7.34 24.39 -14.53
CA ILE A 125 7.37 24.36 -15.99
C ILE A 125 8.74 23.94 -16.48
N ARG A 126 8.79 23.09 -17.50
CA ARG A 126 10.05 22.72 -18.14
C ARG A 126 10.09 23.35 -19.50
N ARG A 127 10.96 24.33 -19.71
CA ARG A 127 11.00 24.97 -21.04
C ARG A 127 11.55 24.04 -22.08
N ASN A 128 10.99 24.13 -23.28
CA ASN A 128 11.44 23.42 -24.48
C ASN A 128 11.58 21.92 -24.33
N TYR A 129 10.65 21.36 -23.57
CA TYR A 129 10.66 19.97 -23.25
C TYR A 129 10.14 19.10 -24.39
N TYR A 130 9.14 19.60 -25.12
CA TYR A 130 8.54 18.89 -26.26
C TYR A 130 9.00 19.43 -27.65
N PRO A 131 9.17 18.53 -28.64
CA PRO A 131 9.43 19.06 -29.99
C PRO A 131 8.12 19.52 -30.62
N THR A 132 8.21 20.44 -31.57
CA THR A 132 7.08 20.79 -32.40
C THR A 132 7.46 20.70 -33.89
N ALA A 133 6.49 20.86 -34.77
CA ALA A 133 6.81 20.84 -36.19
C ALA A 133 7.67 22.02 -36.55
N GLN A 134 7.78 23.00 -35.65
CA GLN A 134 8.68 24.15 -35.91
C GLN A 134 9.57 24.66 -34.73
N GLY A 135 9.95 23.74 -33.83
CA GLY A 135 10.81 24.07 -32.71
C GLY A 135 10.46 23.23 -31.50
N HIS A 136 10.19 23.91 -30.38
CA HIS A 136 9.96 23.23 -29.10
C HIS A 136 8.80 23.84 -28.39
N GLU A 137 8.22 23.10 -27.46
CA GLU A 137 7.14 23.63 -26.64
C GLU A 137 7.50 23.43 -25.19
N ASP A 138 7.03 24.32 -24.33
CA ASP A 138 7.10 24.12 -22.89
C ASP A 138 6.22 22.98 -22.38
N ALA A 139 6.69 22.32 -21.32
CA ALA A 139 5.92 21.33 -20.59
C ALA A 139 5.44 21.92 -19.27
N ILE A 140 4.17 21.73 -18.94
CA ILE A 140 3.65 22.04 -17.63
C ILE A 140 3.65 20.77 -16.82
N ILE A 141 4.32 20.79 -15.67
CA ILE A 141 4.32 19.65 -14.76
C ILE A 141 3.24 19.86 -13.71
N MET A 142 2.26 18.97 -13.66
CA MET A 142 1.06 19.18 -12.84
C MET A 142 0.90 18.09 -11.80
N ALA A 143 0.47 18.45 -10.61
CA ALA A 143 0.34 17.46 -9.52
C ALA A 143 -1.10 17.46 -9.07
N LEU A 144 -1.68 16.27 -8.95
CA LEU A 144 -3.01 16.13 -8.36
C LEU A 144 -2.86 15.47 -6.99
N PRO A 145 -3.24 16.17 -5.91
CA PRO A 145 -3.33 15.49 -4.59
C PRO A 145 -4.59 14.61 -4.53
N ILE A 146 -4.42 13.36 -4.10
CA ILE A 146 -5.55 12.47 -3.90
C ILE A 146 -5.78 12.28 -2.41
N SER A 147 -6.92 12.76 -1.93
CA SER A 147 -7.37 12.53 -0.56
C SER A 147 -7.59 11.08 -0.26
N MET A 148 -7.19 10.72 0.95
CA MET A 148 -7.38 9.38 1.44
C MET A 148 -8.82 9.20 1.89
N LYS A 149 -9.40 8.03 1.59
CA LYS A 149 -10.79 7.72 1.96
C LYS A 149 -10.83 6.60 2.99
N LEU A 150 -11.99 6.39 3.62
CA LEU A 150 -12.22 5.17 4.41
C LEU A 150 -12.42 4.01 3.47
N HIS A 151 -11.97 2.81 3.87
CA HIS A 151 -12.04 1.66 2.95
C HIS A 151 -12.98 0.51 3.35
N MET B 1 -26.50 6.97 17.57
CA MET B 1 -25.81 6.75 16.28
C MET B 1 -24.41 7.36 16.34
N ASN B 2 -23.39 6.50 16.19
CA ASN B 2 -22.01 6.96 16.14
C ASN B 2 -21.41 6.57 14.81
N THR B 3 -20.80 7.54 14.15
CA THR B 3 -20.34 7.40 12.78
C THR B 3 -18.92 7.92 12.64
N ILE B 4 -18.03 7.04 12.18
CA ILE B 4 -16.66 7.45 11.84
C ILE B 4 -16.55 7.69 10.33
N SER B 5 -15.96 8.84 9.98
CA SER B 5 -15.81 9.25 8.59
C SER B 5 -14.57 10.13 8.46
N ILE B 6 -14.14 10.37 7.22
CA ILE B 6 -13.05 11.28 6.94
C ILE B 6 -13.34 12.66 7.51
N LEU B 7 -12.32 13.25 8.10
CA LEU B 7 -12.33 14.63 8.57
C LEU B 7 -11.92 15.52 7.41
N SER B 8 -12.83 16.33 6.89
CA SER B 8 -12.53 17.10 5.65
C SER B 8 -12.41 18.59 5.94
N THR B 9 -12.10 19.37 4.91
CA THR B 9 -11.86 20.80 5.11
C THR B 9 -12.99 21.55 5.80
N THR B 10 -14.23 21.30 5.39
CA THR B 10 -15.39 21.97 6.00
C THR B 10 -15.66 21.47 7.41
N ASP B 11 -14.98 20.40 7.84
CA ASP B 11 -15.12 19.90 9.22
C ASP B 11 -14.12 20.56 10.15
N LEU B 12 -13.14 21.26 9.57
CA LEU B 12 -12.02 21.77 10.34
C LEU B 12 -12.42 22.82 11.40
N PRO B 13 -13.26 23.81 11.02
CA PRO B 13 -13.71 24.77 12.04
C PRO B 13 -14.29 24.11 13.28
N ALA B 14 -15.16 23.12 13.11
CA ALA B 14 -15.73 22.43 14.29
C ALA B 14 -14.67 21.63 15.09
N ALA B 15 -13.71 21.05 14.37
CA ALA B 15 -12.72 20.22 15.02
C ALA B 15 -11.76 21.10 15.77
N TRP B 16 -11.55 22.33 15.26
CA TRP B 16 -10.68 23.33 15.93
C TRP B 16 -11.27 23.75 17.27
N GLN B 17 -12.60 23.86 17.36
CA GLN B 17 -13.27 24.03 18.66
C GLN B 17 -12.93 22.90 19.63
N ILE B 18 -13.06 21.65 19.16
CA ILE B 18 -12.71 20.50 19.97
C ILE B 18 -11.26 20.59 20.46
N GLU B 19 -10.33 20.90 19.55
CA GLU B 19 -8.93 21.04 19.90
C GLU B 19 -8.74 21.99 21.08
N GLN B 20 -9.36 23.15 21.00
CA GLN B 20 -9.25 24.16 22.03
C GLN B 20 -9.89 23.76 23.36
N ARG B 21 -10.97 23.01 23.34
CA ARG B 21 -11.60 22.57 24.59
C ARG B 21 -10.96 21.28 25.12
N ALA B 22 -10.44 20.45 24.24
CA ALA B 22 -9.97 19.15 24.69
C ALA B 22 -8.56 19.15 25.31
N HIS B 23 -7.65 19.94 24.73
CA HIS B 23 -6.26 19.99 25.19
C HIS B 23 -5.99 21.22 26.03
N ALA B 24 -5.36 20.99 27.17
CA ALA B 24 -4.91 22.10 28.00
C ALA B 24 -3.92 22.97 27.23
N PHE B 25 -3.05 22.35 26.44
CA PHE B 25 -2.15 23.10 25.57
C PHE B 25 -2.38 22.78 24.09
N PRO B 26 -3.38 23.43 23.49
CA PRO B 26 -3.76 23.10 22.10
C PRO B 26 -2.68 23.49 21.10
N TRP B 27 -2.72 22.95 19.88
CA TRP B 27 -1.88 23.49 18.78
C TRP B 27 -2.23 24.95 18.45
N SER B 28 -1.37 25.63 17.71
CA SER B 28 -1.74 26.93 17.14
C SER B 28 -2.74 26.71 16.01
N GLU B 29 -3.53 27.72 15.69
CA GLU B 29 -4.49 27.64 14.61
C GLU B 29 -3.85 27.23 13.27
N LYS B 30 -2.71 27.85 12.94
CA LYS B 30 -1.98 27.52 11.70
C LYS B 30 -1.57 26.05 11.73
N THR B 31 -0.98 25.59 12.84
CA THR B 31 -0.51 24.21 12.91
C THR B 31 -1.67 23.18 12.81
N PHE B 32 -2.83 23.53 13.35
CA PHE B 32 -3.95 22.66 13.23
C PHE B 32 -4.40 22.52 11.78
N PHE B 33 -4.49 23.62 11.07
CA PHE B 33 -5.00 23.62 9.69
C PHE B 33 -3.93 23.21 8.71
N GLY B 34 -2.68 23.22 9.15
CA GLY B 34 -1.57 22.78 8.33
C GLY B 34 -1.41 21.27 8.31
N ASN B 35 -1.95 20.61 9.32
CA ASN B 35 -1.80 19.16 9.42
C ASN B 35 -2.92 18.41 8.74
N GLN B 36 -3.07 18.61 7.44
CA GLN B 36 -4.17 18.00 6.66
C GLN B 36 -3.62 17.84 5.28
N GLY B 37 -4.33 17.06 4.46
CA GLY B 37 -3.94 16.89 3.08
C GLY B 37 -3.11 15.66 2.83
N GLU B 38 -2.08 15.82 2.01
CA GLU B 38 -1.31 14.67 1.55
C GLU B 38 -0.68 13.81 2.66
N ARG B 39 -0.99 12.51 2.61
CA ARG B 39 -0.53 11.52 3.58
C ARG B 39 -1.24 11.63 4.91
N TYR B 40 -2.18 12.55 5.00
CA TYR B 40 -3.00 12.56 6.18
C TYR B 40 -4.20 11.66 5.98
N LEU B 41 -4.37 10.73 6.93
CA LEU B 41 -5.63 10.00 7.10
C LEU B 41 -6.33 10.54 8.37
N ASN B 42 -7.23 11.51 8.19
CA ASN B 42 -7.86 12.19 9.32
C ASN B 42 -9.31 11.84 9.43
N LEU B 43 -9.72 11.43 10.62
CA LEU B 43 -11.03 10.91 10.85
C LEU B 43 -11.84 11.77 11.85
N LYS B 44 -13.17 11.69 11.80
CA LYS B 44 -14.03 12.28 12.83
C LYS B 44 -15.09 11.28 13.28
N LEU B 45 -15.58 11.48 14.50
CA LEU B 45 -16.66 10.69 14.98
C LEU B 45 -17.80 11.62 15.26
N THR B 46 -18.92 11.34 14.60
CA THR B 46 -20.16 12.09 14.77
C THR B 46 -21.12 11.31 15.67
N ALA B 47 -21.49 11.90 16.80
CA ALA B 47 -22.48 11.31 17.68
C ALA B 47 -23.81 12.01 17.43
N ASP B 48 -24.80 11.27 16.94
CA ASP B 48 -26.10 11.84 16.55
C ASP B 48 -25.96 13.24 15.95
N ASP B 49 -25.25 13.32 14.82
CA ASP B 49 -25.03 14.57 14.08
C ASP B 49 -24.18 15.65 14.74
N ARG B 50 -23.69 15.44 15.95
CA ARG B 50 -22.69 16.38 16.48
C ARG B 50 -21.29 15.77 16.33
N MET B 51 -20.31 16.55 15.91
CA MET B 51 -18.95 16.02 15.87
C MET B 51 -18.49 15.88 17.29
N ALA B 52 -18.03 14.69 17.69
CA ALA B 52 -17.63 14.42 19.08
C ALA B 52 -16.13 14.24 19.23
N ALA B 53 -15.45 13.85 18.15
CA ALA B 53 -14.04 13.47 18.22
C ALA B 53 -13.37 13.60 16.87
N PHE B 54 -12.06 13.80 16.86
CA PHE B 54 -11.30 13.72 15.63
C PHE B 54 -9.95 13.08 15.90
N ALA B 55 -9.29 12.56 14.84
CA ALA B 55 -7.94 12.02 14.97
C ALA B 55 -7.18 12.39 13.72
N ILE B 56 -5.96 12.91 13.93
CA ILE B 56 -5.03 13.32 12.87
C ILE B 56 -3.87 12.31 12.77
N THR B 57 -3.74 11.64 11.64
CA THR B 57 -2.71 10.63 11.53
C THR B 57 -2.04 10.81 10.22
N GLN B 58 -0.71 10.73 10.22
CA GLN B 58 -0.01 10.75 8.98
C GLN B 58 0.59 9.38 8.72
N VAL B 59 0.50 8.94 7.46
CA VAL B 59 0.99 7.64 6.97
C VAL B 59 2.24 7.87 6.08
N VAL B 60 3.38 7.27 6.46
CA VAL B 60 4.59 7.30 5.61
C VAL B 60 5.06 5.87 5.44
N LEU B 61 5.19 5.42 4.19
CA LEU B 61 5.56 4.04 3.88
C LEU B 61 4.59 3.06 4.55
N ASP B 62 5.07 2.20 5.45
CA ASP B 62 4.20 1.21 6.14
C ASP B 62 4.12 1.48 7.66
N GLU B 63 4.46 2.69 8.07
CA GLU B 63 4.25 3.10 9.44
C GLU B 63 3.38 4.33 9.46
N ALA B 64 2.74 4.59 10.58
CA ALA B 64 1.90 5.78 10.69
C ALA B 64 2.06 6.35 12.07
N THR B 65 1.88 7.66 12.16
CA THR B 65 1.90 8.36 13.46
C THR B 65 0.59 9.08 13.73
N LEU B 66 0.00 8.81 14.90
CA LEU B 66 -1.18 9.51 15.33
C LEU B 66 -0.68 10.80 15.94
N PHE B 67 -0.95 11.92 15.27
CA PHE B 67 -0.45 13.22 15.74
C PHE B 67 -1.31 13.80 16.85
N ASN B 68 -2.60 13.50 16.79
CA ASN B 68 -3.56 14.14 17.66
C ASN B 68 -4.78 13.27 17.73
N ILE B 69 -5.24 12.96 18.95
CA ILE B 69 -6.61 12.44 19.12
C ILE B 69 -7.28 13.27 20.20
N ALA B 70 -8.51 13.70 19.92
CA ALA B 70 -9.22 14.56 20.84
C ALA B 70 -10.72 14.29 20.82
N VAL B 71 -11.27 14.09 22.02
CA VAL B 71 -12.70 13.90 22.17
C VAL B 71 -13.14 15.08 23.01
N ASP B 72 -14.26 15.68 22.62
CA ASP B 72 -14.71 16.91 23.20
C ASP B 72 -15.16 16.65 24.64
N PRO B 73 -14.79 17.53 25.60
CA PRO B 73 -15.19 17.27 27.02
C PRO B 73 -16.65 16.87 27.23
N ASP B 74 -17.55 17.27 26.34
CA ASP B 74 -18.96 16.86 26.47
C ASP B 74 -19.19 15.37 26.19
N PHE B 75 -18.22 14.70 25.54
CA PHE B 75 -18.44 13.36 25.00
C PHE B 75 -17.43 12.39 25.55
N GLN B 76 -16.64 12.83 26.51
CA GLN B 76 -15.55 12.01 27.00
C GLN B 76 -16.06 10.90 27.93
N ARG B 77 -15.22 9.89 28.08
CA ARG B 77 -15.45 8.83 29.03
C ARG B 77 -16.65 8.00 28.62
N ARG B 78 -17.07 8.13 27.37
CA ARG B 78 -18.25 7.42 26.88
C ARG B 78 -17.93 6.28 25.87
N GLY B 79 -16.64 5.92 25.73
CA GLY B 79 -16.24 4.87 24.77
C GLY B 79 -15.98 5.37 23.33
N LEU B 80 -16.17 6.67 23.10
CA LEU B 80 -16.01 7.26 21.78
C LEU B 80 -14.55 7.28 21.29
N GLY B 81 -13.60 7.59 22.18
CA GLY B 81 -12.18 7.57 21.83
C GLY B 81 -11.66 6.20 21.42
N ARG B 82 -11.95 5.18 22.20
CA ARG B 82 -11.65 3.82 21.81
C ARG B 82 -12.24 3.46 20.43
N MET B 83 -13.50 3.79 20.22
CA MET B 83 -14.15 3.49 18.97
C MET B 83 -13.33 4.09 17.81
N LEU B 84 -13.03 5.37 17.92
CA LEU B 84 -12.44 6.09 16.85
C LEU B 84 -11.06 5.51 16.52
N LEU B 85 -10.33 5.17 17.57
CA LEU B 85 -9.05 4.52 17.44
C LEU B 85 -9.20 3.15 16.81
N GLU B 86 -10.13 2.34 17.34
CA GLU B 86 -10.35 1.03 16.77
C GLU B 86 -10.58 1.13 15.27
N HIS B 87 -11.40 2.10 14.86
CA HIS B 87 -11.67 2.32 13.46
C HIS B 87 -10.42 2.79 12.72
N LEU B 88 -9.60 3.61 13.37
CA LEU B 88 -8.33 4.02 12.75
C LEU B 88 -7.44 2.81 12.47
N ILE B 89 -7.35 1.90 13.45
CA ILE B 89 -6.40 0.81 13.43
C ILE B 89 -6.82 -0.19 12.39
N ASP B 90 -8.12 -0.35 12.29
CA ASP B 90 -8.69 -1.14 11.26
C ASP B 90 -8.34 -0.61 9.84
N GLU B 91 -8.47 0.69 9.63
CA GLU B 91 -8.09 1.33 8.37
C GLU B 91 -6.62 1.15 7.97
N LEU B 92 -5.72 1.40 8.92
CA LEU B 92 -4.29 1.36 8.64
C LEU B 92 -3.89 -0.02 8.18
N GLU B 93 -4.47 -1.05 8.80
CA GLU B 93 -4.25 -2.43 8.38
C GLU B 93 -4.55 -2.58 6.92
N THR B 94 -5.69 -2.04 6.49
CA THR B 94 -6.06 -2.19 5.08
C THR B 94 -5.07 -1.47 4.21
N ARG B 95 -4.42 -0.45 4.76
CA ARG B 95 -3.50 0.35 3.98
C ARG B 95 -2.07 -0.21 4.08
N GLY B 96 -1.92 -1.35 4.76
CA GLY B 96 -0.64 -2.03 4.85
C GLY B 96 0.32 -1.45 5.88
N VAL B 97 -0.22 -0.69 6.84
CA VAL B 97 0.56 -0.08 7.90
C VAL B 97 0.72 -1.10 9.02
N VAL B 98 1.96 -1.25 9.51
CA VAL B 98 2.29 -2.34 10.45
C VAL B 98 2.58 -1.88 11.87
N THR B 99 2.72 -0.56 12.05
CA THR B 99 3.03 0.08 13.32
C THR B 99 2.38 1.46 13.39
N LEU B 100 1.71 1.76 14.50
CA LEU B 100 1.16 3.09 14.71
C LEU B 100 1.86 3.67 15.94
N TRP B 101 2.43 4.87 15.76
CA TRP B 101 3.21 5.57 16.79
C TRP B 101 2.41 6.73 17.35
N LEU B 102 2.63 7.04 18.63
CA LEU B 102 2.06 8.23 19.20
C LEU B 102 2.96 8.77 20.28
N GLU B 103 2.71 10.02 20.68
CA GLU B 103 3.29 10.68 21.86
C GLU B 103 2.17 10.96 22.87
N VAL B 104 2.42 10.60 24.13
CA VAL B 104 1.48 10.93 25.16
C VAL B 104 2.19 11.55 26.37
N ARG B 105 1.55 12.54 26.99
CA ARG B 105 2.00 13.14 28.27
C ARG B 105 2.09 12.11 29.36
N ALA B 106 3.24 12.05 30.03
CA ALA B 106 3.50 11.00 31.03
C ALA B 106 2.42 10.87 32.11
N SER B 107 1.75 11.97 32.42
CA SER B 107 0.78 12.00 33.51
C SER B 107 -0.62 11.67 33.01
N ASN B 108 -0.79 11.45 31.71
CA ASN B 108 -2.11 11.19 31.16
C ASN B 108 -2.58 9.74 31.35
N ALA B 109 -2.93 9.41 32.60
CA ALA B 109 -3.23 8.04 32.97
C ALA B 109 -4.35 7.43 32.11
N ALA B 110 -5.32 8.26 31.73
CA ALA B 110 -6.47 7.76 30.98
C ALA B 110 -6.02 7.36 29.58
N ALA B 111 -5.42 8.28 28.87
CA ALA B 111 -5.00 7.97 27.53
C ALA B 111 -4.02 6.77 27.51
N ILE B 112 -3.06 6.73 28.45
CA ILE B 112 -2.08 5.64 28.49
C ILE B 112 -2.77 4.28 28.69
N ALA B 113 -3.82 4.27 29.52
CA ALA B 113 -4.52 3.01 29.80
C ALA B 113 -5.32 2.56 28.59
N LEU B 114 -5.92 3.51 27.88
CA LEU B 114 -6.58 3.25 26.59
C LEU B 114 -5.56 2.58 25.67
N TYR B 115 -4.44 3.27 25.46
CA TYR B 115 -3.43 2.84 24.52
C TYR B 115 -2.93 1.46 24.87
N GLU B 116 -2.66 1.24 26.15
CA GLU B 116 -2.20 -0.07 26.56
C GLU B 116 -3.20 -1.20 26.26
N SER B 117 -4.50 -0.94 26.44
CA SER B 117 -5.49 -2.01 26.31
C SER B 117 -5.67 -2.37 24.84
N LEU B 118 -5.41 -1.39 23.96
CA LEU B 118 -5.40 -1.64 22.51
C LEU B 118 -4.11 -2.32 22.05
N GLY B 119 -3.09 -2.40 22.92
CA GLY B 119 -1.84 -3.07 22.57
C GLY B 119 -0.60 -2.21 22.29
N PHE B 120 -0.68 -0.91 22.55
CA PHE B 120 0.49 -0.06 22.50
C PHE B 120 1.53 -0.43 23.60
N ASN B 121 2.81 -0.36 23.24
CA ASN B 121 3.89 -0.49 24.24
C ASN B 121 4.76 0.76 24.24
N GLU B 122 5.27 1.12 25.40
CA GLU B 122 6.27 2.19 25.50
C GLU B 122 7.48 1.80 24.69
N ALA B 123 7.86 2.64 23.73
CA ALA B 123 9.14 2.46 23.04
C ALA B 123 10.27 3.25 23.76
N THR B 124 10.08 4.55 23.99
CA THR B 124 11.12 5.39 24.58
C THR B 124 10.46 6.51 25.39
N ILE B 125 11.26 7.26 26.13
CA ILE B 125 10.76 8.47 26.77
C ILE B 125 11.60 9.66 26.30
N ARG B 126 10.95 10.77 26.02
CA ARG B 126 11.65 12.01 25.77
C ARG B 126 11.37 12.83 26.99
N ARG B 127 12.39 13.02 27.81
CA ARG B 127 12.19 13.72 29.05
C ARG B 127 11.99 15.23 28.85
N ASN B 128 11.05 15.79 29.59
CA ASN B 128 10.76 17.22 29.49
C ASN B 128 10.41 17.76 28.10
N TYR B 129 9.76 16.92 27.30
CA TYR B 129 9.37 17.23 25.94
C TYR B 129 8.15 18.15 25.88
N TYR B 130 7.26 18.01 26.86
CA TYR B 130 6.03 18.79 26.94
C TYR B 130 6.18 20.04 27.79
N PRO B 131 5.49 21.15 27.43
CA PRO B 131 5.45 22.26 28.40
C PRO B 131 4.30 22.03 29.38
N THR B 132 4.39 22.57 30.59
CA THR B 132 3.28 22.56 31.54
C THR B 132 3.12 23.93 32.15
N ALA B 133 2.09 24.10 32.99
CA ALA B 133 1.92 25.35 33.75
C ALA B 133 3.21 25.77 34.42
N GLN B 134 3.92 24.81 35.03
CA GLN B 134 5.04 25.16 35.91
C GLN B 134 6.45 24.80 35.41
N GLY B 135 6.53 24.03 34.34
CA GLY B 135 7.79 23.76 33.70
C GLY B 135 7.57 22.88 32.49
N HIS B 136 7.94 21.61 32.61
CA HIS B 136 7.82 20.68 31.51
C HIS B 136 7.38 19.32 32.01
N GLU B 137 7.26 18.37 31.11
CA GLU B 137 6.76 17.04 31.42
C GLU B 137 7.17 16.00 30.36
N ASP B 138 7.42 14.78 30.78
CA ASP B 138 7.85 13.69 29.93
C ASP B 138 6.82 13.24 28.90
N ALA B 139 7.31 12.81 27.74
CA ALA B 139 6.49 12.22 26.71
C ALA B 139 6.79 10.71 26.62
N ILE B 140 5.74 9.88 26.63
CA ILE B 140 5.92 8.48 26.36
C ILE B 140 5.69 8.25 24.86
N ILE B 141 6.71 7.75 24.18
CA ILE B 141 6.58 7.41 22.79
C ILE B 141 6.10 5.97 22.73
N MET B 142 4.92 5.73 22.15
CA MET B 142 4.36 4.39 22.13
C MET B 142 4.18 3.85 20.71
N ALA B 143 4.28 2.54 20.56
CA ALA B 143 4.08 1.93 19.25
C ALA B 143 3.13 0.75 19.34
N LEU B 144 2.24 0.64 18.35
CA LEU B 144 1.29 -0.44 18.27
C LEU B 144 1.61 -1.31 17.08
N PRO B 145 1.93 -2.59 17.31
CA PRO B 145 2.03 -3.56 16.21
C PRO B 145 0.63 -3.84 15.61
N ILE B 146 0.50 -3.74 14.29
CA ILE B 146 -0.76 -4.03 13.60
C ILE B 146 -0.59 -5.26 12.73
N SER B 147 -1.14 -6.39 13.18
CA SER B 147 -1.06 -7.64 12.46
C SER B 147 -1.74 -7.54 11.12
N MET B 148 -1.14 -8.15 10.11
CA MET B 148 -1.75 -8.23 8.80
C MET B 148 -2.90 -9.25 8.72
N LYS B 149 -4.02 -8.82 8.15
CA LYS B 149 -5.15 -9.69 7.90
C LYS B 149 -5.16 -10.15 6.44
N LEU B 150 -6.01 -11.12 6.14
CA LEU B 150 -6.38 -11.49 4.77
C LEU B 150 -7.36 -10.49 4.22
N HIS B 151 -7.49 -10.34 2.91
CA HIS B 151 -8.36 -9.27 2.35
C HIS B 151 -9.41 -9.72 1.28
N MET C 1 -12.75 -30.18 3.90
CA MET C 1 -12.56 -28.84 3.26
C MET C 1 -11.15 -28.29 3.49
N ASN C 2 -10.83 -27.23 2.74
CA ASN C 2 -9.52 -26.59 2.82
C ASN C 2 -9.66 -25.08 2.94
N THR C 3 -9.25 -24.52 4.07
CA THR C 3 -9.40 -23.09 4.28
C THR C 3 -8.07 -22.40 4.53
N ILE C 4 -7.89 -21.27 3.87
CA ILE C 4 -6.67 -20.52 4.01
C ILE C 4 -6.93 -19.31 4.91
N SER C 5 -6.10 -19.15 5.92
CA SER C 5 -6.29 -18.12 6.93
C SER C 5 -4.94 -17.63 7.43
N ILE C 6 -4.92 -16.51 8.17
CA ILE C 6 -3.68 -16.02 8.77
C ILE C 6 -3.10 -17.06 9.73
N LEU C 7 -1.78 -17.17 9.72
CA LEU C 7 -1.06 -17.98 10.70
C LEU C 7 -0.79 -17.13 11.97
N SER C 8 -1.46 -17.46 13.07
CA SER C 8 -1.32 -16.64 14.27
C SER C 8 -0.44 -17.32 15.31
N THR C 9 -0.16 -16.57 16.38
CA THR C 9 0.65 -17.06 17.49
C THR C 9 0.23 -18.45 18.00
N THR C 10 -1.07 -18.71 18.16
CA THR C 10 -1.51 -20.05 18.60
C THR C 10 -1.34 -21.17 17.55
N ASP C 11 -1.21 -20.82 16.27
CA ASP C 11 -0.91 -21.81 15.20
C ASP C 11 0.53 -22.31 15.15
N LEU C 12 1.44 -21.54 15.74
CA LEU C 12 2.87 -21.80 15.62
C LEU C 12 3.32 -23.19 16.09
N PRO C 13 2.80 -23.67 17.25
CA PRO C 13 3.25 -25.04 17.60
C PRO C 13 2.94 -26.08 16.52
N ALA C 14 1.79 -25.97 15.86
CA ALA C 14 1.42 -26.96 14.87
C ALA C 14 2.19 -26.81 13.56
N ALA C 15 2.44 -25.56 13.15
CA ALA C 15 3.30 -25.26 11.99
C ALA C 15 4.76 -25.69 12.22
N TRP C 16 5.21 -25.59 13.47
CA TRP C 16 6.52 -26.07 13.87
C TRP C 16 6.68 -27.57 13.71
N GLN C 17 5.59 -28.33 13.92
CA GLN C 17 5.62 -29.78 13.69
C GLN C 17 5.80 -30.05 12.21
N ILE C 18 5.16 -29.24 11.38
CA ILE C 18 5.24 -29.40 9.95
C ILE C 18 6.63 -29.03 9.44
N GLU C 19 7.21 -27.97 10.03
CA GLU C 19 8.57 -27.53 9.70
C GLU C 19 9.55 -28.69 9.79
N GLN C 20 9.56 -29.36 10.94
CA GLN C 20 10.52 -30.40 11.21
C GLN C 20 10.25 -31.69 10.45
N ARG C 21 8.98 -31.93 10.13
CA ARG C 21 8.57 -33.11 9.40
C ARG C 21 8.73 -32.94 7.90
N ALA C 22 8.78 -31.69 7.44
CA ALA C 22 8.78 -31.42 6.01
C ALA C 22 10.12 -30.96 5.45
N HIS C 23 10.93 -30.23 6.23
CA HIS C 23 12.28 -29.83 5.74
C HIS C 23 13.37 -30.73 6.34
N ALA C 24 14.30 -31.16 5.49
CA ALA C 24 15.45 -31.97 5.91
C ALA C 24 16.46 -31.16 6.75
N PHE C 25 16.56 -29.87 6.47
CA PHE C 25 17.37 -28.96 7.28
C PHE C 25 16.52 -27.81 7.78
N PRO C 26 15.68 -28.06 8.82
CA PRO C 26 14.70 -27.06 9.17
C PRO C 26 15.35 -25.98 10.01
N TRP C 27 14.68 -24.84 10.13
CA TRP C 27 15.11 -23.74 10.96
C TRP C 27 15.24 -24.18 12.43
N SER C 28 15.99 -23.43 13.22
CA SER C 28 15.96 -23.66 14.65
C SER C 28 14.58 -23.26 15.14
N GLU C 29 14.18 -23.81 16.29
CA GLU C 29 12.98 -23.34 17.01
C GLU C 29 13.04 -21.83 17.20
N LYS C 30 14.17 -21.34 17.70
CA LYS C 30 14.31 -19.91 17.92
C LYS C 30 13.96 -19.12 16.66
N THR C 31 14.60 -19.47 15.55
CA THR C 31 14.42 -18.78 14.28
C THR C 31 12.97 -18.89 13.79
N PHE C 32 12.38 -20.08 13.93
CA PHE C 32 11.03 -20.27 13.44
C PHE C 32 10.04 -19.33 14.11
N PHE C 33 10.13 -19.25 15.43
CA PHE C 33 9.28 -18.36 16.24
C PHE C 33 9.63 -16.89 16.06
N GLY C 34 10.84 -16.60 15.60
CA GLY C 34 11.27 -15.23 15.35
C GLY C 34 10.75 -14.63 14.03
N ASN C 35 10.30 -15.50 13.11
CA ASN C 35 9.72 -15.04 11.85
C ASN C 35 8.20 -14.83 11.86
N GLN C 36 7.75 -14.02 12.82
CA GLN C 36 6.37 -13.57 12.96
C GLN C 36 6.35 -12.07 13.24
N GLY C 37 5.18 -11.45 13.07
CA GLY C 37 4.97 -10.09 13.53
C GLY C 37 5.04 -9.05 12.44
N GLU C 38 5.61 -7.89 12.77
CA GLU C 38 5.60 -6.76 11.87
C GLU C 38 6.21 -7.07 10.51
N ARG C 39 5.37 -6.88 9.50
CA ARG C 39 5.69 -7.06 8.06
C ARG C 39 5.60 -8.50 7.63
N TYR C 40 5.24 -9.40 8.55
CA TYR C 40 5.00 -10.79 8.16
C TYR C 40 3.57 -11.07 7.75
N LEU C 41 3.41 -11.61 6.54
CA LEU C 41 2.10 -12.05 6.06
C LEU C 41 2.11 -13.57 6.07
N ASN C 42 1.82 -14.16 7.22
CA ASN C 42 1.96 -15.59 7.33
C ASN C 42 0.64 -16.27 7.25
N LEU C 43 0.63 -17.38 6.52
CA LEU C 43 -0.62 -18.05 6.18
C LEU C 43 -0.62 -19.50 6.56
N LYS C 44 -1.82 -20.08 6.64
CA LYS C 44 -1.99 -21.51 6.83
C LYS C 44 -3.15 -22.07 6.00
N LEU C 45 -3.03 -23.33 5.60
CA LEU C 45 -4.10 -23.99 4.91
C LEU C 45 -4.54 -25.14 5.82
N THR C 46 -5.83 -25.22 6.15
CA THR C 46 -6.30 -26.31 7.03
C THR C 46 -7.12 -27.39 6.31
N ALA C 47 -6.77 -28.65 6.53
CA ALA C 47 -7.59 -29.77 6.02
C ALA C 47 -8.52 -30.27 7.11
N ASP C 48 -9.81 -29.97 6.95
CA ASP C 48 -10.83 -30.22 7.97
C ASP C 48 -10.41 -29.80 9.36
N ASP C 49 -10.02 -30.77 10.19
CA ASP C 49 -9.47 -30.48 11.52
C ASP C 49 -8.00 -30.00 11.43
N ARG C 50 -7.09 -30.89 11.00
CA ARG C 50 -5.64 -30.66 10.97
C ARG C 50 -5.19 -29.49 10.08
N MET C 51 -4.12 -28.82 10.52
CA MET C 51 -3.30 -27.95 9.67
C MET C 51 -2.56 -28.82 8.69
N ALA C 52 -2.56 -28.44 7.42
CA ALA C 52 -1.90 -29.21 6.38
C ALA C 52 -0.64 -28.51 5.81
N ALA C 53 -0.58 -27.19 5.88
CA ALA C 53 0.50 -26.43 5.24
C ALA C 53 0.58 -25.01 5.78
N PHE C 54 1.75 -24.39 5.68
CA PHE C 54 1.95 -23.00 6.08
C PHE C 54 2.94 -22.28 5.14
N ALA C 55 3.11 -20.97 5.33
CA ALA C 55 3.89 -20.12 4.42
C ALA C 55 4.31 -18.84 5.09
N ILE C 56 5.61 -18.61 5.19
CA ILE C 56 6.16 -17.44 5.87
C ILE C 56 6.63 -16.41 4.85
N THR C 57 6.04 -15.21 4.88
CA THR C 57 6.37 -14.19 3.88
C THR C 57 6.54 -12.82 4.47
N GLN C 58 7.59 -12.11 4.08
CA GLN C 58 7.79 -10.77 4.59
C GLN C 58 7.65 -9.70 3.48
N VAL C 59 6.94 -8.61 3.79
CA VAL C 59 6.63 -7.60 2.80
C VAL C 59 7.40 -6.32 3.14
N VAL C 60 8.28 -5.88 2.25
CA VAL C 60 9.00 -4.66 2.48
C VAL C 60 8.77 -3.82 1.25
N LEU C 61 8.16 -2.66 1.46
CA LEU C 61 7.82 -1.73 0.38
C LEU C 61 6.82 -2.41 -0.57
N ASP C 62 7.26 -2.74 -1.79
CA ASP C 62 6.35 -3.31 -2.79
C ASP C 62 6.90 -4.65 -3.30
N GLU C 63 7.67 -5.30 -2.42
CA GLU C 63 8.23 -6.59 -2.74
C GLU C 63 8.07 -7.53 -1.58
N ALA C 64 8.16 -8.83 -1.85
CA ALA C 64 8.02 -9.78 -0.78
C ALA C 64 8.94 -10.93 -1.00
N THR C 65 9.27 -11.59 0.10
CA THR C 65 10.06 -12.78 0.07
C THR C 65 9.31 -13.84 0.83
N LEU C 66 9.10 -14.95 0.15
CA LEU C 66 8.59 -16.14 0.76
C LEU C 66 9.79 -16.74 1.45
N PHE C 67 9.81 -16.65 2.77
CA PHE C 67 10.92 -17.20 3.53
C PHE C 67 10.81 -18.71 3.62
N ASN C 68 9.61 -19.25 3.48
CA ASN C 68 9.37 -20.65 3.82
C ASN C 68 8.00 -21.12 3.40
N ILE C 69 7.92 -22.18 2.61
CA ILE C 69 6.65 -22.80 2.34
C ILE C 69 6.84 -24.27 2.62
N ALA C 70 5.88 -24.86 3.32
CA ALA C 70 5.95 -26.27 3.67
C ALA C 70 4.56 -26.87 3.80
N VAL C 71 4.41 -28.02 3.17
CA VAL C 71 3.23 -28.85 3.29
C VAL C 71 3.67 -30.11 4.02
N ASP C 72 2.91 -30.52 5.04
CA ASP C 72 3.18 -31.79 5.76
C ASP C 72 3.23 -32.98 4.80
N PRO C 73 4.10 -33.98 5.07
CA PRO C 73 4.16 -35.15 4.17
C PRO C 73 2.79 -35.83 3.94
N ASP C 74 2.02 -36.02 5.01
CA ASP C 74 0.65 -36.55 4.88
C ASP C 74 -0.22 -35.83 3.83
N PHE C 75 0.14 -34.62 3.44
CA PHE C 75 -0.72 -33.80 2.59
C PHE C 75 -0.04 -33.38 1.28
N GLN C 76 1.20 -33.81 1.07
CA GLN C 76 1.94 -33.44 -0.13
C GLN C 76 1.32 -34.08 -1.36
N ARG C 77 1.62 -33.53 -2.53
CA ARG C 77 1.24 -34.16 -3.80
C ARG C 77 -0.26 -34.15 -4.10
N ARG C 78 -1.02 -33.35 -3.35
CA ARG C 78 -2.44 -33.21 -3.67
C ARG C 78 -2.86 -31.76 -3.96
N GLY C 79 -1.92 -30.92 -4.38
CA GLY C 79 -2.27 -29.58 -4.85
C GLY C 79 -2.55 -28.50 -3.81
N LEU C 80 -2.19 -28.75 -2.55
CA LEU C 80 -2.36 -27.75 -1.50
C LEU C 80 -1.24 -26.72 -1.54
N GLY C 81 -0.02 -27.18 -1.83
CA GLY C 81 1.12 -26.28 -1.98
C GLY C 81 0.80 -25.27 -3.04
N ARG C 82 0.37 -25.77 -4.20
CA ARG C 82 -0.05 -24.89 -5.31
C ARG C 82 -1.08 -23.89 -4.83
N MET C 83 -2.17 -24.40 -4.27
CA MET C 83 -3.28 -23.59 -3.79
C MET C 83 -2.87 -22.55 -2.75
N LEU C 84 -2.06 -22.93 -1.77
CA LEU C 84 -1.59 -21.96 -0.80
C LEU C 84 -0.77 -20.81 -1.43
N LEU C 85 0.11 -21.13 -2.37
CA LEU C 85 0.83 -20.10 -3.11
C LEU C 85 -0.08 -19.17 -3.89
N GLU C 86 -1.02 -19.73 -4.65
CA GLU C 86 -1.93 -18.92 -5.43
C GLU C 86 -2.67 -17.92 -4.55
N HIS C 87 -3.21 -18.39 -3.43
CA HIS C 87 -3.90 -17.49 -2.50
C HIS C 87 -2.98 -16.38 -1.95
N LEU C 88 -1.72 -16.71 -1.69
CA LEU C 88 -0.71 -15.73 -1.26
C LEU C 88 -0.38 -14.66 -2.33
N ILE C 89 -0.14 -15.11 -3.57
CA ILE C 89 0.10 -14.24 -4.72
C ILE C 89 -1.05 -13.20 -4.88
N ASP C 90 -2.31 -13.65 -4.78
CA ASP C 90 -3.47 -12.75 -4.82
C ASP C 90 -3.51 -11.75 -3.66
N GLU C 91 -3.23 -12.20 -2.44
CA GLU C 91 -3.13 -11.27 -1.31
C GLU C 91 -2.03 -10.24 -1.51
N LEU C 92 -0.88 -10.70 -2.01
CA LEU C 92 0.24 -9.81 -2.20
C LEU C 92 -0.19 -8.74 -3.20
N GLU C 93 -0.91 -9.18 -4.25
CA GLU C 93 -1.44 -8.30 -5.28
C GLU C 93 -2.31 -7.19 -4.72
N THR C 94 -3.19 -7.52 -3.77
CA THR C 94 -4.10 -6.52 -3.20
C THR C 94 -3.33 -5.48 -2.40
N ARG C 95 -2.09 -5.79 -2.04
CA ARG C 95 -1.28 -4.99 -1.11
C ARG C 95 -0.25 -4.18 -1.91
N GLY C 96 -0.34 -4.26 -3.23
CA GLY C 96 0.50 -3.47 -4.10
C GLY C 96 1.87 -4.08 -4.33
N VAL C 97 2.03 -5.38 -4.06
CA VAL C 97 3.32 -6.03 -4.21
C VAL C 97 3.50 -6.45 -5.64
N VAL C 98 4.63 -6.08 -6.26
CA VAL C 98 4.87 -6.29 -7.68
C VAL C 98 5.74 -7.49 -8.04
N THR C 99 6.54 -7.93 -7.08
CA THR C 99 7.46 -9.06 -7.30
C THR C 99 7.48 -9.92 -6.05
N LEU C 100 7.41 -11.24 -6.22
CA LEU C 100 7.67 -12.12 -5.09
C LEU C 100 8.96 -12.94 -5.30
N TRP C 101 9.84 -12.87 -4.28
CA TRP C 101 11.15 -13.50 -4.29
C TRP C 101 11.14 -14.74 -3.43
N LEU C 102 12.00 -15.69 -3.77
CA LEU C 102 12.24 -16.82 -2.90
C LEU C 102 13.60 -17.42 -3.22
N GLU C 103 14.15 -18.20 -2.30
CA GLU C 103 15.26 -19.06 -2.65
C GLU C 103 14.94 -20.54 -2.41
N VAL C 104 15.52 -21.40 -3.22
CA VAL C 104 15.23 -22.81 -3.20
C VAL C 104 16.51 -23.58 -3.50
N ARG C 105 16.70 -24.74 -2.90
CA ARG C 105 17.80 -25.63 -3.27
C ARG C 105 17.70 -26.06 -4.73
N ALA C 106 18.84 -26.06 -5.41
CA ALA C 106 18.92 -26.47 -6.82
C ALA C 106 18.48 -27.91 -7.08
N SER C 107 18.43 -28.76 -6.05
CA SER C 107 17.94 -30.13 -6.24
C SER C 107 16.49 -30.38 -5.80
N ASN C 108 15.77 -29.33 -5.41
CA ASN C 108 14.38 -29.47 -5.03
C ASN C 108 13.52 -29.44 -6.28
N ALA C 109 13.62 -30.52 -7.06
CA ALA C 109 12.88 -30.66 -8.33
C ALA C 109 11.38 -30.33 -8.18
N ALA C 110 10.77 -30.87 -7.14
CA ALA C 110 9.36 -30.69 -6.90
C ALA C 110 8.97 -29.22 -6.66
N ALA C 111 9.73 -28.52 -5.82
CA ALA C 111 9.38 -27.14 -5.45
C ALA C 111 9.68 -26.23 -6.62
N ILE C 112 10.75 -26.52 -7.35
CA ILE C 112 11.11 -25.73 -8.53
C ILE C 112 10.06 -25.90 -9.62
N ALA C 113 9.65 -27.12 -9.87
CA ALA C 113 8.61 -27.34 -10.88
C ALA C 113 7.33 -26.56 -10.53
N LEU C 114 6.99 -26.45 -9.24
CA LEU C 114 5.80 -25.69 -8.86
C LEU C 114 6.03 -24.21 -9.15
N TYR C 115 7.21 -23.70 -8.78
CA TYR C 115 7.45 -22.28 -8.96
C TYR C 115 7.40 -21.90 -10.44
N GLU C 116 7.97 -22.76 -11.30
CA GLU C 116 8.00 -22.51 -12.74
C GLU C 116 6.58 -22.41 -13.27
N SER C 117 5.73 -23.39 -12.87
CA SER C 117 4.34 -23.49 -13.27
C SER C 117 3.50 -22.29 -12.87
N LEU C 118 3.92 -21.59 -11.81
CA LEU C 118 3.22 -20.40 -11.38
C LEU C 118 3.77 -19.14 -12.06
N GLY C 119 4.86 -19.30 -12.80
CA GLY C 119 5.53 -18.16 -13.45
C GLY C 119 6.79 -17.54 -12.82
N PHE C 120 7.37 -18.18 -11.80
CA PHE C 120 8.67 -17.75 -11.24
C PHE C 120 9.77 -17.98 -12.27
N ASN C 121 10.77 -17.09 -12.26
CA ASN C 121 11.94 -17.24 -13.11
C ASN C 121 13.18 -17.15 -12.24
N GLU C 122 14.25 -17.83 -12.69
CA GLU C 122 15.52 -17.72 -12.05
C GLU C 122 16.05 -16.29 -12.20
N ALA C 123 16.47 -15.69 -11.09
CA ALA C 123 17.14 -14.39 -11.12
C ALA C 123 18.66 -14.54 -10.94
N THR C 124 19.09 -15.28 -9.91
CA THR C 124 20.51 -15.54 -9.68
C THR C 124 20.72 -16.86 -8.97
N ILE C 125 21.98 -17.16 -8.73
CA ILE C 125 22.41 -18.37 -8.10
C ILE C 125 23.42 -18.02 -7.02
N ARG C 126 23.20 -18.56 -5.83
CA ARG C 126 24.14 -18.42 -4.74
C ARG C 126 24.87 -19.74 -4.58
N ARG C 127 26.17 -19.76 -4.89
CA ARG C 127 26.86 -21.03 -4.88
C ARG C 127 27.14 -21.55 -3.47
N ASN C 128 26.96 -22.86 -3.33
CA ASN C 128 27.16 -23.58 -2.07
C ASN C 128 26.55 -22.90 -0.83
N TYR C 129 25.33 -22.39 -0.99
CA TYR C 129 24.67 -21.57 0.03
C TYR C 129 23.92 -22.42 1.05
N TYR C 130 23.59 -23.65 0.65
CA TYR C 130 22.86 -24.55 1.51
C TYR C 130 23.78 -25.69 1.99
N PRO C 131 23.78 -25.98 3.31
CA PRO C 131 24.45 -27.17 3.84
C PRO C 131 23.81 -28.45 3.34
N THR C 132 24.62 -29.50 3.15
CA THR C 132 24.10 -30.84 2.89
C THR C 132 24.59 -31.84 3.96
N ALA C 133 24.47 -33.13 3.64
CA ALA C 133 25.11 -34.17 4.42
C ALA C 133 26.59 -34.33 3.99
N GLN C 134 26.93 -33.82 2.78
CA GLN C 134 28.31 -33.86 2.24
C GLN C 134 28.78 -32.50 1.72
N GLY C 135 29.15 -31.58 2.62
CA GLY C 135 29.52 -30.22 2.22
C GLY C 135 28.29 -29.36 1.95
N HIS C 136 28.25 -28.71 0.79
CA HIS C 136 27.21 -27.70 0.50
C HIS C 136 26.48 -27.85 -0.85
N GLU C 137 25.47 -27.01 -1.08
CA GLU C 137 24.65 -27.08 -2.29
C GLU C 137 24.14 -25.70 -2.75
N ASP C 138 24.00 -25.54 -4.05
CA ASP C 138 23.54 -24.29 -4.65
C ASP C 138 22.14 -23.87 -4.26
N ALA C 139 21.93 -22.55 -4.26
CA ALA C 139 20.63 -21.90 -4.13
C ALA C 139 20.23 -21.18 -5.41
N ILE C 140 18.97 -21.31 -5.78
CA ILE C 140 18.45 -20.58 -6.91
C ILE C 140 17.52 -19.48 -6.38
N ILE C 141 17.84 -18.23 -6.66
CA ILE C 141 16.95 -17.14 -6.22
C ILE C 141 15.94 -16.89 -7.35
N MET C 142 14.65 -16.99 -7.02
CA MET C 142 13.62 -16.87 -8.05
C MET C 142 12.69 -15.67 -7.84
N ALA C 143 12.26 -15.08 -8.95
CA ALA C 143 11.35 -13.94 -8.89
C ALA C 143 10.09 -14.22 -9.72
N LEU C 144 8.93 -13.96 -9.09
CA LEU C 144 7.62 -13.94 -9.77
C LEU C 144 7.10 -12.50 -9.89
N PRO C 145 6.94 -11.98 -11.13
CA PRO C 145 6.28 -10.68 -11.36
C PRO C 145 4.81 -10.83 -11.07
N ILE C 146 4.19 -9.80 -10.49
CA ILE C 146 2.77 -9.85 -10.18
C ILE C 146 2.12 -8.65 -10.81
N SER C 147 1.30 -8.91 -11.82
CA SER C 147 0.63 -7.82 -12.52
C SER C 147 -0.31 -7.16 -11.62
N MET C 148 -0.45 -5.86 -11.78
CA MET C 148 -1.45 -5.11 -11.05
C MET C 148 -2.85 -5.39 -11.61
N LYS C 149 -3.80 -5.56 -10.71
CA LYS C 149 -5.20 -5.75 -11.07
C LYS C 149 -6.01 -4.50 -10.69
N LEU C 150 -7.19 -4.33 -11.27
CA LEU C 150 -8.12 -3.31 -10.83
C LEU C 150 -8.76 -3.73 -9.53
N HIS C 151 -9.18 -2.78 -8.72
CA HIS C 151 -9.95 -3.06 -7.51
C HIS C 151 -11.26 -2.27 -7.57
C ACE D 1 0.28 12.92 -21.42
O ACE D 1 -0.17 11.91 -21.95
CH3 ACE D 1 -0.63 13.85 -20.67
N ALA D 2 1.56 13.27 -21.46
CA ALA D 2 2.56 12.49 -22.16
C ALA D 2 3.96 12.86 -21.75
N ARG D 3 4.71 11.85 -21.30
CA ARG D 3 6.11 12.06 -20.94
C ARG D 3 6.87 11.99 -22.29
N TYR D 4 7.99 12.70 -22.39
CA TYR D 4 8.80 12.67 -23.61
C TYR D 4 10.07 11.87 -23.21
N PHE D 5 10.40 10.90 -24.06
CA PHE D 5 11.58 10.04 -23.89
C PHE D 5 12.54 10.34 -25.03
N ARG D 6 13.85 10.14 -24.78
CA ARG D 6 14.90 10.35 -25.80
C ARG D 6 15.01 9.05 -26.63
N ARG D 7 14.41 8.00 -26.04
CA ARG D 7 14.28 6.58 -26.52
C ARG D 7 13.20 6.39 -27.65
C ACE E 1 -1.99 12.81 21.40
O ACE E 1 -2.99 13.39 20.95
CH3 ACE E 1 -2.07 11.43 22.03
N ALA E 2 -0.77 13.33 21.43
CA ALA E 2 -0.53 14.66 20.87
C ALA E 2 0.93 14.97 20.67
N ARG E 3 1.30 15.20 19.40
CA ARG E 3 2.66 15.62 19.03
C ARG E 3 2.74 17.12 19.50
N TYR E 4 3.98 17.57 19.78
CA TYR E 4 4.20 18.97 20.19
C TYR E 4 5.04 19.65 19.08
N PHE E 5 4.55 20.78 18.61
CA PHE E 5 5.25 21.56 17.59
C PHE E 5 5.63 22.86 18.27
N ARG E 6 6.72 23.51 17.84
CA ARG E 6 7.08 24.82 18.49
C ARG E 6 6.56 25.95 17.59
N ARG E 7 5.81 25.50 16.55
CA ARG E 7 5.10 26.22 15.43
C ARG E 7 3.59 26.46 15.74
C ACE F 1 11.57 -22.17 0.84
O ACE F 1 10.77 -22.53 1.70
CH3 ACE F 1 11.13 -22.17 -0.60
N ALA F 2 12.86 -21.82 1.04
CA ALA F 2 13.45 -21.79 2.40
C ALA F 2 14.67 -20.84 2.52
N ARG F 3 14.52 -19.78 3.33
CA ARG F 3 15.66 -18.90 3.55
C ARG F 3 16.65 -19.71 4.42
N TYR F 4 17.93 -19.43 4.22
CA TYR F 4 18.95 -20.10 5.02
C TYR F 4 19.49 -19.05 6.05
N PHE F 5 19.17 -19.29 7.34
CA PHE F 5 19.58 -18.42 8.47
C PHE F 5 20.77 -19.06 9.19
N ARG F 6 21.69 -18.22 9.69
CA ARG F 6 22.88 -18.76 10.40
C ARG F 6 22.68 -18.91 11.93
N ARG F 7 21.43 -18.66 12.39
CA ARG F 7 20.92 -18.75 13.80
C ARG F 7 19.75 -19.78 13.86
N1A COA G . -11.77 19.28 -26.39
C2A COA G . -11.66 18.44 -25.37
N3A COA G . -11.65 18.93 -24.15
C4A COA G . -11.72 20.26 -23.89
C5A COA G . -11.83 21.16 -24.94
C6A COA G . -11.85 20.62 -26.22
N6A COA G . -11.96 21.40 -27.28
N7A COA G . -11.88 22.40 -24.41
C8A COA G . -11.82 22.28 -23.08
N9A COA G . -11.72 20.98 -22.78
C1B COA G . -11.59 20.36 -21.40
C2B COA G . -12.94 20.41 -20.70
O2B COA G . -12.78 20.54 -19.28
C3B COA G . -13.51 19.04 -21.10
O3B COA G . -14.56 18.67 -20.21
P3B COA G . -16.02 19.22 -20.61
O7A COA G . -16.64 19.58 -19.15
O8A COA G . -16.79 17.91 -21.20
O9A COA G . -16.01 20.37 -21.57
C4B COA G . -12.30 18.10 -21.02
O4B COA G . -11.19 18.92 -21.48
C5B COA G . -12.46 16.99 -22.04
O5B COA G . -13.47 16.07 -21.66
P1A COA G . -13.45 14.61 -22.25
O1A COA G . -14.46 14.44 -23.33
O2A COA G . -13.40 13.67 -21.11
O3A COA G . -12.04 14.58 -22.96
P2A COA G . -11.64 13.61 -24.16
O4A COA G . -11.83 12.18 -23.85
O5A COA G . -12.18 14.13 -25.40
O6A COA G . -10.16 14.07 -24.19
CBP COA G . -7.80 13.81 -24.04
CCP COA G . -9.14 13.74 -23.31
CDP COA G . -7.18 15.22 -24.00
CEP COA G . -6.91 12.83 -23.30
CAP COA G . -8.00 13.42 -25.55
OAP COA G . -8.66 14.48 -26.27
C9P COA G . -6.73 13.06 -26.31
O9P COA G . -6.33 11.89 -26.31
N8P COA G . -6.14 14.06 -26.98
C7P COA G . -4.92 13.90 -27.77
C6P COA G . -3.79 13.26 -26.93
C5P COA G . -3.45 14.14 -25.72
O5P COA G . -3.33 15.36 -25.86
N4P COA G . -3.34 13.48 -24.57
C3P COA G . -3.02 14.09 -23.26
C2P COA G . -1.56 14.53 -23.27
S1P COA G . -1.08 15.30 -21.68
N1A COA H . -7.08 4.99 34.96
C2A COA H . -6.91 4.04 34.05
N3A COA H . -7.62 4.06 32.93
C4A COA H . -8.51 5.06 32.66
C5A COA H . -8.71 6.07 33.59
C6A COA H . -7.97 6.01 34.76
N6A COA H . -8.14 6.94 35.70
N7A COA H . -9.64 6.91 33.09
C8A COA H . -10.02 6.44 31.88
N9A COA H . -9.33 5.31 31.63
C1B COA H . -9.35 4.49 30.41
C2B COA H . -10.17 3.21 30.37
O2B COA H . -9.32 2.15 29.87
C3B COA H . -11.22 3.61 29.33
O3B COA H . -11.73 2.48 28.65
P3B COA H . -12.79 1.63 29.52
O7A COA H . -13.48 0.57 28.51
O8A COA H . -14.00 2.68 30.09
O9A COA H . -12.11 0.92 30.64
C4B COA H . -10.45 4.50 28.39
O4B COA H . -9.76 5.35 29.28
C5B COA H . -11.66 5.27 28.02
O5B COA H . -12.05 5.09 26.71
P1A COA H . -13.01 6.20 26.17
O1A COA H . -14.21 6.19 27.01
O2A COA H . -13.11 6.02 24.71
O3A COA H . -12.21 7.53 26.45
P2A COA H . -12.43 8.94 25.73
O4A COA H . -13.52 8.94 24.73
O5A COA H . -12.50 9.95 26.78
O6A COA H . -11.07 9.05 24.93
CBP COA H . -9.10 10.58 25.14
CCP COA H . -9.79 9.24 25.54
CDP COA H . -7.78 10.76 25.88
CEP COA H . -8.81 10.61 23.63
CAP COA H . -10.05 11.71 25.52
OAP COA H . -10.32 11.56 26.92
C9P COA H . -9.48 13.10 25.24
O9P COA H . -9.49 13.54 24.09
N8P COA H . -8.99 13.76 26.31
C7P COA H . -8.40 15.10 26.21
C6P COA H . -7.31 15.25 25.15
C5P COA H . -6.30 14.12 25.25
O5P COA H . -5.89 13.74 26.35
N4P COA H . -5.94 13.58 24.10
C3P COA H . -4.97 12.47 24.03
C2P COA H . -3.55 13.03 23.88
S1P COA H . -2.34 11.67 23.83
N1A COA I . 7.15 -34.81 -7.99
C2A COA I . 7.09 -34.17 -9.15
N3A COA I . 6.56 -32.96 -9.27
C4A COA I . 6.04 -32.32 -8.19
C5A COA I . 6.07 -32.96 -6.94
C6A COA I . 6.66 -34.23 -6.87
N6A COA I . 6.71 -34.85 -5.69
N7A COA I . 5.52 -32.16 -6.04
C8A COA I . 5.16 -31.06 -6.68
N9A COA I . 5.46 -31.14 -8.00
C1B COA I . 5.16 -30.09 -9.06
C2B COA I . 4.16 -30.59 -10.11
O2B COA I . 4.13 -29.80 -11.31
C3B COA I . 2.85 -30.41 -9.37
O3B COA I . 1.80 -30.10 -10.27
P3B COA I . 0.66 -31.22 -10.27
O7A COA I . -0.66 -30.37 -10.71
O8A COA I . 0.48 -31.71 -8.69
O9A COA I . 1.04 -32.36 -11.14
C4B COA I . 3.06 -29.26 -8.38
O4B COA I . 4.48 -28.94 -8.47
C5B COA I . 2.72 -29.86 -7.00
O5B COA I . 1.61 -29.26 -6.39
P1A COA I . 1.26 -29.70 -4.94
O1A COA I . 0.75 -31.07 -4.95
O2A COA I . 0.44 -28.62 -4.39
O3A COA I . 2.61 -29.69 -4.17
P2A COA I . 2.71 -29.94 -2.58
O4A COA I . 1.41 -29.71 -1.91
O5A COA I . 3.40 -31.22 -2.39
O6A COA I . 3.70 -28.79 -2.28
CBP COA I . 6.01 -28.48 -1.71
CCP COA I . 4.99 -28.75 -2.83
CDP COA I . 7.41 -28.33 -2.31
CEP COA I . 5.62 -27.21 -0.94
CAP COA I . 6.00 -29.70 -0.75
OAP COA I . 6.32 -30.87 -1.46
C9P COA I . 6.93 -29.48 0.46
O9P COA I . 6.55 -28.80 1.41
N8P COA I . 8.14 -30.09 0.38
C7P COA I . 9.18 -30.02 1.45
C6P COA I . 9.39 -28.56 1.91
C5P COA I . 9.98 -27.74 0.77
O5P COA I . 10.88 -28.19 0.07
N4P COA I . 9.47 -26.54 0.57
C3P COA I . 9.97 -25.66 -0.51
C2P COA I . 11.29 -25.01 -0.12
S1P COA I . 11.82 -23.71 -1.33
#